data_2G19
#
_entry.id   2G19
#
_cell.length_a   110.851
_cell.length_b   110.851
_cell.length_c   40.379
_cell.angle_alpha   90.00
_cell.angle_beta   90.00
_cell.angle_gamma   120.00
#
_symmetry.space_group_name_H-M   'P 63'
#
loop_
_entity.id
_entity.type
_entity.pdbx_description
1 polymer 'Egl nine homolog 1'
2 non-polymer 'FE (II) ION'
3 non-polymer N-[(4-HYDROXY-8-IODOISOQUINOLIN-3-YL)CARBONYL]GLYCINE
4 water water
#
_entity_poly.entity_id   1
_entity_poly.type   'polypeptide(L)'
_entity_poly.pdbx_seq_one_letter_code
;MPNGQTKPLPALKLALEYIVPCMNKHGICVVDDFLGKETGQQIGDEVRALHDTGKFTDGQLVSQKSDSSKDIRGDKITWI
EGKEPGCETIGLLMSSMDDLIRHCNGKLGSYKINGRTKAMVACYPGNGTGYVRHVDNPNGDGRCVTCIYYLNKDWDAKVS
GGILRIFPEGKAQFADIEPKFDRLLFFWSDRRNPHEVQPAYATRYAITVWYFDADERARAKVKYLTGEKGVRVELNKPHH
HHHH
;
_entity_poly.pdbx_strand_id   A
#
loop_
_chem_comp.id
_chem_comp.type
_chem_comp.name
_chem_comp.formula
4HG non-polymer N-[(4-HYDROXY-8-IODOISOQUINOLIN-3-YL)CARBONYL]GLYCINE 'C12 H9 I N2 O4'
FE2 non-polymer 'FE (II) ION' 'Fe 2'
#
# COMPACT_ATOMS: atom_id res chain seq x y z
N LEU A 9 7.99 5.18 -19.53
CA LEU A 9 7.16 3.94 -19.58
C LEU A 9 7.99 2.70 -19.22
N PRO A 10 9.19 2.55 -19.80
CA PRO A 10 10.01 1.37 -19.47
C PRO A 10 10.29 1.30 -17.97
N ALA A 11 9.96 0.16 -17.38
CA ALA A 11 10.15 -0.05 -15.95
C ALA A 11 11.56 0.31 -15.49
N LEU A 12 12.57 -0.06 -16.27
CA LEU A 12 13.94 0.23 -15.89
C LEU A 12 14.22 1.73 -15.86
N LYS A 13 13.64 2.45 -16.81
CA LYS A 13 13.85 3.90 -16.87
C LYS A 13 13.19 4.57 -15.67
N LEU A 14 11.97 4.13 -15.35
CA LEU A 14 11.25 4.67 -14.21
C LEU A 14 12.07 4.40 -12.94
N ALA A 15 12.55 3.17 -12.81
CA ALA A 15 13.35 2.77 -11.65
C ALA A 15 14.63 3.57 -11.49
N LEU A 16 15.47 3.57 -12.52
CA LEU A 16 16.74 4.27 -12.45
C LEU A 16 16.68 5.79 -12.43
N GLU A 17 15.81 6.37 -13.26
CA GLU A 17 15.72 7.82 -13.33
C GLU A 17 14.81 8.48 -12.28
N TYR A 18 13.98 7.70 -11.61
CA TYR A 18 13.07 8.32 -10.64
C TYR A 18 12.92 7.62 -9.29
N ILE A 19 12.51 6.37 -9.30
CA ILE A 19 12.28 5.65 -8.04
C ILE A 19 13.52 5.59 -7.17
N VAL A 20 14.63 5.11 -7.74
CA VAL A 20 15.85 5.02 -6.96
C VAL A 20 16.30 6.37 -6.38
N PRO A 21 16.48 7.40 -7.21
CA PRO A 21 16.91 8.68 -6.65
C PRO A 21 15.93 9.28 -5.64
N CYS A 22 14.63 9.13 -5.93
CA CYS A 22 13.59 9.63 -5.05
C CYS A 22 13.62 8.91 -3.68
N MET A 23 13.70 7.58 -3.72
CA MET A 23 13.72 6.80 -2.47
C MET A 23 14.97 7.09 -1.64
N ASN A 24 16.14 7.13 -2.26
CA ASN A 24 17.33 7.37 -1.46
C ASN A 24 17.36 8.78 -0.89
N LYS A 25 16.67 9.71 -1.54
CA LYS A 25 16.65 11.08 -1.07
C LYS A 25 15.52 11.43 -0.08
N HIS A 26 14.31 10.95 -0.35
CA HIS A 26 13.16 11.26 0.49
C HIS A 26 12.58 10.08 1.25
N GLY A 27 12.89 8.87 0.81
CA GLY A 27 12.37 7.67 1.46
C GLY A 27 10.92 7.43 1.11
N ILE A 28 10.41 8.26 0.19
CA ILE A 28 9.04 8.18 -0.29
C ILE A 28 9.07 8.48 -1.80
N CYS A 29 8.26 7.80 -2.57
CA CYS A 29 8.21 8.04 -4.01
C CYS A 29 6.81 7.81 -4.55
N VAL A 30 6.27 8.81 -5.24
CA VAL A 30 4.94 8.69 -5.83
C VAL A 30 5.02 8.63 -7.36
N VAL A 31 4.43 7.61 -7.94
CA VAL A 31 4.42 7.46 -9.40
C VAL A 31 2.97 7.55 -9.87
N ASP A 32 2.65 8.56 -10.67
CA ASP A 32 1.28 8.65 -11.16
C ASP A 32 1.10 7.99 -12.52
N ASP A 33 -0.15 7.62 -12.83
CA ASP A 33 -0.48 6.96 -14.09
C ASP A 33 0.44 5.77 -14.36
N PHE A 34 0.54 4.87 -13.37
CA PHE A 34 1.41 3.72 -13.47
C PHE A 34 1.09 2.70 -14.55
N LEU A 35 -0.14 2.21 -14.58
CA LEU A 35 -0.52 1.19 -15.56
C LEU A 35 -1.41 1.68 -16.69
N GLY A 36 -1.94 2.89 -16.54
CA GLY A 36 -2.82 3.42 -17.57
C GLY A 36 -4.28 3.22 -17.20
N LYS A 37 -5.16 3.99 -17.84
CA LYS A 37 -6.58 3.91 -17.54
C LYS A 37 -7.21 2.54 -17.74
N GLU A 38 -6.95 1.90 -18.87
CA GLU A 38 -7.52 0.59 -19.15
C GLU A 38 -7.23 -0.47 -18.11
N THR A 39 -5.95 -0.67 -17.81
CA THR A 39 -5.56 -1.67 -16.84
C THR A 39 -5.98 -1.26 -15.43
N GLY A 40 -5.85 0.01 -15.11
CA GLY A 40 -6.26 0.49 -13.80
C GLY A 40 -7.74 0.23 -13.57
N GLN A 41 -8.55 0.48 -14.60
CA GLN A 41 -9.98 0.24 -14.48
C GLN A 41 -10.26 -1.25 -14.33
N GLN A 42 -9.48 -2.09 -15.00
CA GLN A 42 -9.67 -3.55 -14.91
C GLN A 42 -9.35 -4.02 -13.49
N ILE A 43 -8.33 -3.42 -12.89
CA ILE A 43 -7.95 -3.78 -11.52
C ILE A 43 -9.09 -3.34 -10.60
N GLY A 44 -9.63 -2.16 -10.86
CA GLY A 44 -10.75 -1.67 -10.08
C GLY A 44 -11.93 -2.62 -10.16
N ASP A 45 -12.22 -3.12 -11.37
CA ASP A 45 -13.34 -4.04 -11.52
C ASP A 45 -13.10 -5.32 -10.72
N GLU A 46 -11.85 -5.80 -10.71
CA GLU A 46 -11.53 -7.02 -9.98
C GLU A 46 -11.66 -6.82 -8.48
N VAL A 47 -11.18 -5.69 -7.98
CA VAL A 47 -11.29 -5.42 -6.54
C VAL A 47 -12.76 -5.27 -6.15
N ARG A 48 -13.54 -4.55 -6.97
CA ARG A 48 -14.95 -4.39 -6.69
C ARG A 48 -15.67 -5.74 -6.68
N ALA A 49 -15.28 -6.64 -7.59
CA ALA A 49 -15.90 -7.96 -7.64
C ALA A 49 -15.59 -8.73 -6.36
N LEU A 50 -14.36 -8.56 -5.85
CA LEU A 50 -13.99 -9.21 -4.60
C LEU A 50 -14.89 -8.69 -3.49
N HIS A 51 -15.15 -7.39 -3.49
CA HIS A 51 -15.99 -6.82 -2.44
C HIS A 51 -17.43 -7.33 -2.54
N ASP A 52 -17.97 -7.27 -3.75
CA ASP A 52 -19.34 -7.71 -4.00
C ASP A 52 -19.58 -9.21 -3.82
N THR A 53 -18.52 -10.01 -3.85
CA THR A 53 -18.68 -11.45 -3.65
C THR A 53 -18.28 -11.88 -2.24
N GLY A 54 -18.16 -10.90 -1.35
CA GLY A 54 -17.84 -11.16 0.04
C GLY A 54 -16.48 -11.71 0.39
N LYS A 55 -15.46 -11.35 -0.38
CA LYS A 55 -14.13 -11.88 -0.12
C LYS A 55 -13.35 -11.07 0.93
N PHE A 56 -13.84 -9.88 1.25
CA PHE A 56 -13.19 -9.05 2.26
C PHE A 56 -13.66 -9.39 3.66
N THR A 57 -12.81 -9.12 4.65
CA THR A 57 -13.20 -9.31 6.05
C THR A 57 -14.20 -8.19 6.36
N ASP A 58 -14.82 -8.26 7.54
CA ASP A 58 -15.83 -7.28 7.94
C ASP A 58 -15.26 -5.92 8.32
N GLY A 59 -13.97 -5.85 8.59
CA GLY A 59 -13.35 -4.58 8.95
C GLY A 59 -12.76 -4.56 10.36
N GLN A 60 -11.67 -3.83 10.52
CA GLN A 60 -10.98 -3.74 11.80
C GLN A 60 -11.89 -3.19 12.88
N LEU A 61 -11.88 -3.83 14.04
CA LEU A 61 -12.72 -3.37 15.14
C LEU A 61 -12.15 -2.03 15.64
N VAL A 62 -12.92 -0.96 15.48
CA VAL A 62 -12.50 0.38 15.89
C VAL A 62 -12.93 0.69 17.31
N SER A 63 -14.19 0.43 17.61
CA SER A 63 -14.73 0.68 18.94
C SER A 63 -15.45 -0.57 19.41
N GLN A 64 -14.99 -1.12 20.54
CA GLN A 64 -15.58 -2.32 21.13
C GLN A 64 -16.47 -1.95 22.31
N LYS A 65 -16.13 -0.87 23.00
CA LYS A 65 -16.88 -0.38 24.17
C LYS A 65 -18.39 -0.57 23.96
N SER A 66 -18.79 -0.58 22.69
CA SER A 66 -20.18 -0.73 22.31
C SER A 66 -20.71 -2.12 22.67
N ASP A 67 -21.80 -2.53 22.01
CA ASP A 67 -22.39 -3.83 22.27
C ASP A 67 -22.84 -4.48 20.96
N SER A 68 -22.02 -5.38 20.44
CA SER A 68 -22.32 -6.10 19.22
C SER A 68 -22.81 -5.20 18.08
N SER A 69 -24.12 -4.94 18.06
CA SER A 69 -24.72 -4.10 17.03
C SER A 69 -24.15 -2.68 16.96
N LYS A 70 -23.62 -2.19 18.08
CA LYS A 70 -23.08 -0.84 18.11
C LYS A 70 -21.60 -0.76 17.73
N ASP A 71 -20.98 -1.92 17.54
CA ASP A 71 -19.56 -1.97 17.16
C ASP A 71 -19.29 -1.17 15.90
N ILE A 72 -18.13 -0.54 15.83
CA ILE A 72 -17.75 0.20 14.64
C ILE A 72 -16.55 -0.51 14.03
N ARG A 73 -16.64 -0.82 12.73
CA ARG A 73 -15.52 -1.48 12.04
C ARG A 73 -14.96 -0.58 10.95
N GLY A 74 -13.67 -0.73 10.68
CA GLY A 74 -13.01 0.09 9.68
C GLY A 74 -12.51 -0.65 8.45
N ASP A 75 -11.21 -0.52 8.17
CA ASP A 75 -10.63 -1.15 6.99
C ASP A 75 -10.90 -2.64 6.89
N LYS A 76 -11.27 -3.07 5.68
CA LYS A 76 -11.58 -4.47 5.40
C LYS A 76 -10.44 -4.94 4.51
N ILE A 77 -10.01 -6.19 4.68
CA ILE A 77 -8.91 -6.67 3.85
C ILE A 77 -9.13 -8.04 3.26
N THR A 78 -8.33 -8.34 2.25
CA THR A 78 -8.35 -9.66 1.66
C THR A 78 -6.97 -9.85 1.06
N TRP A 79 -6.41 -11.04 1.28
CA TRP A 79 -5.07 -11.36 0.78
C TRP A 79 -5.19 -12.03 -0.59
N ILE A 80 -4.45 -11.51 -1.56
CA ILE A 80 -4.50 -12.00 -2.95
C ILE A 80 -3.14 -12.48 -3.43
N GLU A 81 -3.08 -13.71 -3.91
CA GLU A 81 -1.83 -14.28 -4.40
C GLU A 81 -1.55 -13.78 -5.83
N GLY A 82 -2.61 -13.51 -6.57
CA GLY A 82 -2.46 -12.98 -7.92
C GLY A 82 -2.77 -13.94 -9.06
N LYS A 83 -2.98 -15.21 -8.76
CA LYS A 83 -3.28 -16.18 -9.81
C LYS A 83 -4.71 -16.70 -9.74
N GLU A 84 -5.45 -16.28 -8.71
CA GLU A 84 -6.84 -16.72 -8.55
C GLU A 84 -7.71 -16.23 -9.69
N PRO A 85 -8.75 -16.99 -10.05
CA PRO A 85 -9.66 -16.61 -11.12
C PRO A 85 -10.29 -15.27 -10.75
N GLY A 86 -10.28 -14.32 -11.68
CA GLY A 86 -10.86 -13.02 -11.41
C GLY A 86 -9.90 -12.06 -10.74
N CYS A 87 -8.66 -12.49 -10.51
CA CYS A 87 -7.67 -11.64 -9.86
C CYS A 87 -6.40 -11.53 -10.67
N GLU A 88 -6.46 -11.94 -11.94
CA GLU A 88 -5.26 -11.92 -12.76
C GLU A 88 -4.68 -10.55 -13.11
N THR A 89 -5.49 -9.51 -13.11
CA THR A 89 -4.96 -8.20 -13.44
C THR A 89 -4.27 -7.70 -12.16
N ILE A 90 -4.77 -8.13 -11.01
CA ILE A 90 -4.12 -7.75 -9.76
C ILE A 90 -2.77 -8.48 -9.78
N GLY A 91 -2.77 -9.70 -10.30
CA GLY A 91 -1.53 -10.45 -10.41
C GLY A 91 -0.58 -9.70 -11.35
N LEU A 92 -1.13 -9.13 -12.42
CA LEU A 92 -0.33 -8.38 -13.37
C LEU A 92 0.27 -7.14 -12.69
N LEU A 93 -0.50 -6.49 -11.81
CA LEU A 93 0.01 -5.33 -11.08
C LEU A 93 1.17 -5.76 -10.19
N MET A 94 1.01 -6.89 -9.51
CA MET A 94 2.02 -7.41 -8.59
C MET A 94 3.31 -7.69 -9.36
N SER A 95 3.16 -8.32 -10.52
CA SER A 95 4.33 -8.61 -11.35
C SER A 95 5.01 -7.34 -11.80
N SER A 96 4.22 -6.29 -12.04
CA SER A 96 4.76 -5.00 -12.49
C SER A 96 5.50 -4.31 -11.35
N MET A 97 4.99 -4.47 -10.13
CA MET A 97 5.67 -3.88 -8.98
C MET A 97 6.98 -4.66 -8.82
N ASP A 98 6.91 -5.98 -8.95
CA ASP A 98 8.11 -6.82 -8.79
C ASP A 98 9.16 -6.43 -9.81
N ASP A 99 8.73 -6.13 -11.04
CA ASP A 99 9.67 -5.74 -12.09
C ASP A 99 10.42 -4.48 -11.71
N LEU A 100 9.70 -3.48 -11.18
CA LEU A 100 10.35 -2.24 -10.77
C LEU A 100 11.36 -2.48 -9.65
N ILE A 101 10.97 -3.28 -8.67
CA ILE A 101 11.87 -3.58 -7.56
C ILE A 101 13.12 -4.31 -8.08
N ARG A 102 12.94 -5.25 -9.00
CA ARG A 102 14.08 -5.99 -9.56
C ARG A 102 15.09 -5.01 -10.17
N HIS A 103 14.58 -4.05 -10.93
CA HIS A 103 15.44 -3.07 -11.58
C HIS A 103 16.07 -2.08 -10.61
N CYS A 104 15.56 -2.07 -9.38
CA CYS A 104 16.06 -1.19 -8.32
C CYS A 104 17.02 -1.93 -7.39
N ASN A 105 16.95 -3.25 -7.38
CA ASN A 105 17.78 -4.01 -6.46
C ASN A 105 19.25 -3.67 -6.50
N GLY A 106 19.80 -3.44 -5.31
CA GLY A 106 21.19 -3.08 -5.18
C GLY A 106 21.30 -1.57 -5.17
N LYS A 107 20.19 -0.87 -5.40
CA LYS A 107 20.20 0.59 -5.39
C LYS A 107 19.27 1.26 -4.37
N LEU A 108 18.47 0.48 -3.66
CA LEU A 108 17.56 1.03 -2.65
C LEU A 108 18.25 0.94 -1.30
N GLY A 109 18.93 2.01 -0.90
CA GLY A 109 19.66 1.97 0.35
C GLY A 109 20.68 0.85 0.19
N SER A 110 20.99 0.13 1.26
CA SER A 110 21.91 -0.97 1.16
C SER A 110 21.13 -2.28 1.30
N TYR A 111 19.83 -2.20 1.06
CA TYR A 111 18.99 -3.39 1.17
C TYR A 111 19.19 -4.30 -0.04
N LYS A 112 18.93 -5.59 0.17
CA LYS A 112 18.99 -6.58 -0.89
C LYS A 112 17.66 -7.30 -0.79
N ILE A 113 16.73 -6.94 -1.66
CA ILE A 113 15.39 -7.53 -1.64
C ILE A 113 15.34 -8.92 -2.28
N ASN A 114 14.79 -9.89 -1.56
CA ASN A 114 14.73 -11.26 -2.07
C ASN A 114 13.34 -11.89 -1.98
N GLY A 115 12.33 -11.07 -1.74
CA GLY A 115 11.00 -11.63 -1.66
C GLY A 115 9.99 -10.59 -1.24
N ARG A 116 8.74 -10.99 -1.19
CA ARG A 116 7.66 -10.08 -0.82
C ARG A 116 6.48 -10.86 -0.27
N THR A 117 5.50 -10.12 0.25
CA THR A 117 4.29 -10.72 0.79
C THR A 117 3.33 -10.88 -0.36
N LYS A 118 2.19 -11.49 -0.07
CA LYS A 118 1.11 -11.59 -1.06
C LYS A 118 0.55 -10.17 -1.04
N ALA A 119 -0.42 -9.87 -1.91
CA ALA A 119 -1.00 -8.53 -1.94
C ALA A 119 -2.10 -8.39 -0.90
N MET A 120 -2.10 -7.26 -0.19
CA MET A 120 -3.15 -7.04 0.78
C MET A 120 -4.07 -5.99 0.15
N VAL A 121 -5.28 -6.38 -0.23
CA VAL A 121 -6.23 -5.44 -0.81
C VAL A 121 -7.03 -4.89 0.37
N ALA A 122 -7.06 -3.57 0.50
CA ALA A 122 -7.77 -2.94 1.63
C ALA A 122 -8.90 -2.09 1.12
N CYS A 123 -9.98 -2.05 1.88
CA CYS A 123 -11.12 -1.22 1.53
C CYS A 123 -11.59 -0.47 2.76
N TYR A 124 -11.49 0.85 2.73
CA TYR A 124 -12.02 1.67 3.83
C TYR A 124 -13.43 1.91 3.30
N PRO A 125 -14.45 1.43 4.03
CA PRO A 125 -15.87 1.53 3.67
C PRO A 125 -16.51 2.90 3.48
N GLY A 126 -15.87 3.95 3.97
CA GLY A 126 -16.43 5.28 3.80
C GLY A 126 -17.36 5.70 4.92
N ASN A 127 -17.18 5.07 6.08
CA ASN A 127 -18.00 5.36 7.26
C ASN A 127 -17.24 6.22 8.26
N GLY A 128 -16.31 7.02 7.75
CA GLY A 128 -15.56 7.90 8.63
C GLY A 128 -14.40 7.28 9.38
N THR A 129 -14.07 6.04 9.07
CA THR A 129 -12.95 5.39 9.73
C THR A 129 -11.68 5.61 8.90
N GLY A 130 -10.53 5.57 9.56
CA GLY A 130 -9.24 5.74 8.89
C GLY A 130 -8.36 4.68 9.49
N TYR A 131 -7.08 4.99 9.65
CA TYR A 131 -6.13 4.06 10.26
C TYR A 131 -5.21 4.91 11.12
N VAL A 132 -5.11 4.55 12.40
CA VAL A 132 -4.29 5.31 13.34
C VAL A 132 -2.82 5.40 12.96
N ARG A 133 -2.15 6.42 13.50
CA ARG A 133 -0.73 6.58 13.22
C ARG A 133 0.02 5.29 13.60
N HIS A 134 0.89 4.82 12.71
CA HIS A 134 1.62 3.58 12.97
C HIS A 134 2.87 3.48 12.10
N VAL A 135 3.71 2.50 12.40
CA VAL A 135 4.90 2.23 11.59
C VAL A 135 4.62 0.80 11.11
N ASP A 136 4.77 0.56 9.80
CA ASP A 136 4.49 -0.78 9.30
C ASP A 136 5.38 -1.84 9.94
N ASN A 137 6.68 -1.61 10.00
CA ASN A 137 7.62 -2.58 10.59
C ASN A 137 8.52 -1.90 11.61
N PRO A 138 8.06 -1.83 12.85
CA PRO A 138 8.87 -1.18 13.88
C PRO A 138 9.80 -2.13 14.63
N ASN A 139 9.57 -3.42 14.51
CA ASN A 139 10.38 -4.40 15.24
C ASN A 139 11.34 -5.30 14.45
N GLY A 140 11.67 -4.92 13.22
CA GLY A 140 12.59 -5.72 12.43
C GLY A 140 12.08 -7.05 11.93
N ASP A 141 10.90 -7.06 11.32
CA ASP A 141 10.33 -8.31 10.84
C ASP A 141 10.74 -8.70 9.44
N GLY A 142 11.62 -7.90 8.84
CA GLY A 142 12.09 -8.19 7.49
C GLY A 142 11.63 -7.23 6.41
N ARG A 143 10.49 -6.58 6.61
CA ARG A 143 9.97 -5.70 5.57
C ARG A 143 10.74 -4.38 5.47
N CYS A 144 11.26 -4.06 4.28
CA CYS A 144 12.00 -2.82 4.13
C CYS A 144 11.30 -1.79 3.26
N VAL A 145 10.47 -2.23 2.31
CA VAL A 145 9.76 -1.30 1.44
C VAL A 145 8.28 -1.60 1.34
N THR A 146 7.46 -0.57 1.54
CA THR A 146 6.01 -0.68 1.40
C THR A 146 5.64 -0.12 0.03
N CYS A 147 4.85 -0.90 -0.72
CA CYS A 147 4.42 -0.47 -2.05
C CYS A 147 2.87 -0.48 -2.09
N ILE A 148 2.27 0.66 -2.36
CA ILE A 148 0.82 0.75 -2.41
C ILE A 148 0.32 1.27 -3.77
N TYR A 149 -0.68 0.60 -4.32
CA TYR A 149 -1.30 1.04 -5.58
C TYR A 149 -2.74 1.47 -5.24
N TYR A 150 -3.12 2.68 -5.66
CA TYR A 150 -4.46 3.21 -5.42
C TYR A 150 -5.33 3.13 -6.66
N LEU A 151 -6.63 2.90 -6.49
CA LEU A 151 -7.49 2.75 -7.65
C LEU A 151 -8.84 3.47 -7.55
N ASN A 152 -8.82 4.62 -6.90
CA ASN A 152 -10.01 5.42 -6.68
C ASN A 152 -10.16 6.54 -7.71
N LYS A 153 -10.97 6.28 -8.73
CA LYS A 153 -11.16 7.26 -9.79
C LYS A 153 -11.87 8.51 -9.33
N ASP A 154 -11.29 9.65 -9.70
CA ASP A 154 -11.82 10.97 -9.36
C ASP A 154 -11.96 11.17 -7.85
N TRP A 155 -10.91 10.82 -7.10
CA TRP A 155 -10.94 10.98 -5.65
C TRP A 155 -10.60 12.41 -5.25
N ASP A 156 -11.50 13.02 -4.49
CA ASP A 156 -11.31 14.39 -4.02
C ASP A 156 -11.25 14.38 -2.49
N ALA A 157 -10.04 14.47 -1.94
CA ALA A 157 -9.83 14.44 -0.50
C ALA A 157 -10.52 15.55 0.28
N LYS A 158 -10.54 16.77 -0.28
CA LYS A 158 -11.19 17.88 0.40
C LYS A 158 -12.65 17.52 0.66
N VAL A 159 -13.17 16.58 -0.12
CA VAL A 159 -14.54 16.13 0.01
C VAL A 159 -14.71 14.74 0.64
N SER A 160 -13.89 13.79 0.21
CA SER A 160 -14.00 12.43 0.70
C SER A 160 -13.00 11.99 1.78
N GLY A 161 -12.07 12.87 2.13
CA GLY A 161 -11.07 12.56 3.14
C GLY A 161 -10.10 11.48 2.66
N GLY A 162 -9.72 10.57 3.56
CA GLY A 162 -8.85 9.45 3.19
C GLY A 162 -7.42 9.73 2.79
N ILE A 163 -6.89 10.89 3.12
CA ILE A 163 -5.51 11.17 2.78
C ILE A 163 -4.56 10.32 3.61
N LEU A 164 -3.46 9.89 3.00
CA LEU A 164 -2.43 9.15 3.69
C LEU A 164 -1.43 10.23 4.12
N ARG A 165 -1.26 10.42 5.43
CA ARG A 165 -0.32 11.43 5.91
C ARG A 165 0.90 10.71 6.45
N ILE A 166 2.07 11.00 5.89
CA ILE A 166 3.30 10.39 6.34
C ILE A 166 4.15 11.46 6.99
N PHE A 167 4.87 11.07 8.05
CA PHE A 167 5.73 12.00 8.78
C PHE A 167 7.18 11.56 8.65
N PRO A 168 7.82 11.87 7.50
CA PRO A 168 9.21 11.55 7.15
C PRO A 168 10.25 11.86 8.23
N GLU A 169 11.04 10.85 8.59
CA GLU A 169 12.09 11.00 9.59
C GLU A 169 11.54 11.70 10.82
N GLY A 170 12.22 12.76 11.22
CA GLY A 170 11.81 13.55 12.37
C GLY A 170 11.67 15.00 11.96
N LYS A 171 11.25 15.21 10.72
CA LYS A 171 11.06 16.55 10.15
C LYS A 171 9.73 17.15 10.62
N ALA A 172 9.68 18.47 10.72
CA ALA A 172 8.47 19.14 11.17
C ALA A 172 7.27 18.82 10.28
N GLN A 173 7.28 19.37 9.07
CA GLN A 173 6.18 19.14 8.12
C GLN A 173 6.03 17.69 7.69
N PHE A 174 4.79 17.30 7.42
CA PHE A 174 4.48 15.95 6.98
C PHE A 174 4.11 15.96 5.50
N ALA A 175 3.84 14.79 4.95
CA ALA A 175 3.48 14.69 3.53
C ALA A 175 2.12 14.05 3.37
N ASP A 176 1.24 14.73 2.65
CA ASP A 176 -0.11 14.24 2.39
C ASP A 176 -0.16 13.65 0.99
N ILE A 177 -0.64 12.41 0.91
CA ILE A 177 -0.75 11.74 -0.37
C ILE A 177 -2.19 11.35 -0.62
N GLU A 178 -2.78 11.86 -1.69
CA GLU A 178 -4.15 11.52 -2.02
C GLU A 178 -4.16 10.12 -2.65
N PRO A 179 -5.14 9.28 -2.28
CA PRO A 179 -5.24 7.92 -2.83
C PRO A 179 -5.82 7.91 -4.23
N LYS A 180 -5.17 8.63 -5.14
CA LYS A 180 -5.60 8.77 -6.52
C LYS A 180 -5.55 7.54 -7.41
N PHE A 181 -6.51 7.44 -8.33
CA PHE A 181 -6.57 6.33 -9.27
C PHE A 181 -5.26 6.17 -10.05
N ASP A 182 -4.78 4.92 -10.14
CA ASP A 182 -3.56 4.59 -10.88
C ASP A 182 -2.27 5.20 -10.31
N ARG A 183 -2.28 5.53 -9.02
CA ARG A 183 -1.10 6.09 -8.38
C ARG A 183 -0.37 4.96 -7.64
N LEU A 184 0.95 4.94 -7.77
CA LEU A 184 1.78 3.93 -7.12
C LEU A 184 2.67 4.66 -6.12
N LEU A 185 2.79 4.11 -4.92
CA LEU A 185 3.57 4.74 -3.86
C LEU A 185 4.54 3.73 -3.23
N PHE A 186 5.76 4.18 -2.96
CA PHE A 186 6.77 3.37 -2.27
C PHE A 186 7.26 4.20 -1.07
N PHE A 187 7.53 3.56 0.05
CA PHE A 187 8.15 4.24 1.19
C PHE A 187 8.81 3.21 2.09
N TRP A 188 9.85 3.64 2.82
CA TRP A 188 10.55 2.72 3.72
C TRP A 188 9.58 2.30 4.82
N SER A 189 9.49 0.99 5.05
CA SER A 189 8.56 0.43 6.02
C SER A 189 8.93 0.64 7.49
N ASP A 190 10.18 0.97 7.76
CA ASP A 190 10.60 1.11 9.16
C ASP A 190 10.20 2.40 9.85
N ARG A 191 10.80 2.64 11.02
CA ARG A 191 10.47 3.83 11.79
C ARG A 191 10.69 5.19 11.14
N ARG A 192 11.36 5.22 9.99
CA ARG A 192 11.58 6.49 9.29
C ARG A 192 10.27 7.05 8.74
N ASN A 193 9.27 6.19 8.56
CA ASN A 193 7.99 6.61 8.01
C ASN A 193 6.71 6.29 8.77
N PRO A 194 6.49 6.95 9.92
CA PRO A 194 5.25 6.69 10.65
C PRO A 194 4.19 7.31 9.75
N HIS A 195 2.99 6.75 9.73
CA HIS A 195 1.96 7.29 8.87
C HIS A 195 0.56 6.93 9.34
N GLU A 196 -0.43 7.54 8.70
CA GLU A 196 -1.80 7.29 9.11
C GLU A 196 -2.76 7.57 7.96
N VAL A 197 -3.95 7.01 8.03
CA VAL A 197 -4.95 7.29 6.99
C VAL A 197 -6.03 8.11 7.65
N GLN A 198 -6.26 9.32 7.14
CA GLN A 198 -7.29 10.18 7.71
C GLN A 198 -8.67 9.62 7.37
N PRO A 199 -9.68 9.91 8.21
CA PRO A 199 -11.03 9.42 7.98
C PRO A 199 -11.47 9.48 6.52
N ALA A 200 -12.00 8.37 6.02
CA ALA A 200 -12.47 8.30 4.65
C ALA A 200 -13.99 8.32 4.67
N TYR A 201 -14.61 9.15 3.83
CA TYR A 201 -16.05 9.27 3.77
C TYR A 201 -16.66 8.74 2.47
N ALA A 202 -15.87 7.96 1.75
CA ALA A 202 -16.31 7.31 0.52
C ALA A 202 -15.48 6.03 0.46
N THR A 203 -15.94 5.05 -0.31
CA THR A 203 -15.24 3.76 -0.45
C THR A 203 -13.86 4.03 -1.04
N ARG A 204 -12.83 3.57 -0.34
CA ARG A 204 -11.45 3.79 -0.71
C ARG A 204 -10.69 2.47 -0.81
N TYR A 205 -10.15 2.17 -1.98
CA TYR A 205 -9.43 0.91 -2.20
C TYR A 205 -7.94 1.15 -2.43
N ALA A 206 -7.11 0.23 -1.92
CA ALA A 206 -5.67 0.29 -2.12
C ALA A 206 -5.16 -1.15 -2.12
N ILE A 207 -4.05 -1.37 -2.82
CA ILE A 207 -3.45 -2.70 -2.84
C ILE A 207 -2.02 -2.52 -2.36
N THR A 208 -1.65 -3.24 -1.31
CA THR A 208 -0.30 -3.14 -0.75
C THR A 208 0.52 -4.41 -0.80
N VAL A 209 1.80 -4.28 -1.13
CA VAL A 209 2.70 -5.43 -1.06
C VAL A 209 3.91 -4.90 -0.30
N TRP A 210 4.50 -5.73 0.55
CA TRP A 210 5.70 -5.36 1.29
C TRP A 210 6.87 -6.22 0.80
N TYR A 211 8.00 -5.58 0.56
CA TYR A 211 9.21 -6.27 0.10
C TYR A 211 10.17 -6.50 1.26
N PHE A 212 10.77 -7.69 1.28
CA PHE A 212 11.70 -8.08 2.33
C PHE A 212 13.18 -7.89 2.01
N ASP A 213 13.94 -7.45 3.02
CA ASP A 213 15.39 -7.32 2.89
C ASP A 213 15.92 -8.69 3.33
N ALA A 214 16.85 -9.23 2.57
CA ALA A 214 17.40 -10.57 2.86
C ALA A 214 18.01 -10.73 4.24
N ASP A 215 18.85 -9.79 4.65
CA ASP A 215 19.46 -9.94 5.97
C ASP A 215 18.48 -9.79 7.11
N GLU A 216 17.63 -8.77 7.06
CA GLU A 216 16.70 -8.58 8.15
C GLU A 216 15.75 -9.75 8.29
N ARG A 217 15.27 -10.26 7.18
CA ARG A 217 14.34 -11.37 7.23
C ARG A 217 15.03 -12.65 7.71
N ALA A 218 16.28 -12.85 7.31
CA ALA A 218 16.98 -14.05 7.74
C ALA A 218 17.11 -14.10 9.27
N ARG A 219 17.38 -12.96 9.90
CA ARG A 219 17.56 -13.00 11.34
C ARG A 219 16.23 -12.83 12.07
N ALA A 220 15.20 -12.42 11.35
CA ALA A 220 13.89 -12.27 11.98
C ALA A 220 13.38 -13.66 12.31
N LYS A 221 13.75 -14.64 11.47
CA LYS A 221 13.33 -16.02 11.68
C LYS A 221 13.70 -16.43 13.11
N VAL A 222 14.78 -15.86 13.62
CA VAL A 222 15.22 -16.13 14.99
C VAL A 222 14.60 -15.02 15.85
N LYS A 223 13.27 -15.00 15.88
CA LYS A 223 12.48 -14.04 16.65
C LYS A 223 11.06 -14.59 16.69
N TYR A 224 10.72 -15.32 15.64
CA TYR A 224 9.40 -15.92 15.48
C TYR A 224 8.30 -14.88 15.68
FE FE2 B . 0.77 1.34 6.97
C1 4HG C . -4.91 -3.55 7.26
C2 4HG C . -3.81 -4.12 8.01
C3 4HG C . -2.58 -3.35 8.06
C4 4HG C . -4.71 -2.27 6.61
C5 4HG C . -3.45 -1.52 6.68
C6 4HG C . -2.32 -2.06 7.44
C7 4HG C . -1.09 -1.29 7.55
N1 4HG C . -0.95 -0.02 6.95
C8 4HG C . -2.03 0.50 6.21
C9 4HG C . -3.29 -0.22 6.03
I1 4HG C . -1.04 -4.06 9.21
O1 4HG C . -4.26 0.34 5.31
C10 4HG C . -1.74 1.84 5.60
C11 4HG C . -2.09 3.40 3.85
C12 4HG C . -3.08 3.69 2.71
O2 4HG C . -2.94 4.74 2.08
O3 4HG C . -0.76 2.48 5.98
O4 4HG C . -4.03 2.90 2.52
N2 4HG C . -2.53 2.33 4.64
#